data_5FB8
#
_entry.id   5FB8
#
_cell.length_a   59.690
_cell.length_b   65.950
_cell.length_c   196.440
_cell.angle_alpha   90.00
_cell.angle_beta   90.00
_cell.angle_gamma   90.00
#
_symmetry.space_group_name_H-M   'P 21 21 21'
#
loop_
_entity.id
_entity.type
_entity.pdbx_description
1 polymer 'Anti-IL-16 antibody 14.1 Fab domain Kappa Chain'
2 polymer 'Anti-IL-16 antibody 14.1 Fab domain Heavy Chain'
3 polymer Pro-interleukin-16
4 non-polymer 'SULFATE ION'
5 non-polymer 1,2-ETHANEDIOL
6 non-polymer 2-AMINO-2-HYDROXYMETHYL-PROPANE-1,3-DIOL
7 water water
#
loop_
_entity_poly.entity_id
_entity_poly.type
_entity_poly.pdbx_seq_one_letter_code
_entity_poly.pdbx_strand_id
1 'polypeptide(L)'
;DIVLTQSPASLAVSLGQRATISCRASKSVSTSGYSYMHWYQQKPGQPPKLLIYLASNLESGVPARFSGSGSGTDFTLNIH
PVEEEDAATYYCQHSRELPYTFGGGTKLEIKRTVAAPSVFIFPPSDEQLKSGTASVVCLLNNFYPREAKVQWKVDNALQS
GNSQESVTEQDSKDSTYSLSSTLTLSKADYEKHKVYACEVTHQGLSSPVTKSFNRGEC
;
A
2 'polypeptide(L)'
;EVQLQQSGPELVKPGASMKISCKASGYSFTGYTMNWVKQSHGKNLEWIGLINPYNSGTNYNQKFKDKATLIVDKSSNTAY
MELLSLTSEDSAVYYCARSDYYDSTHYFDYWGQGTTLTVSSASTKGPSVFPLAPSSKSTSGGTAALGCLVKDYFPEPVTV
SWNSGALTSGVHTFPAVLQSSGLYSLSSVVTVPSSSLGTQTYICNVNHKPSNTKVDKKVEPKSC
;
B
3 'polypeptide(L)'
;SMVESTAEATVCTVTLEKMSAGLGFSLEGGKGSLHGDKPLTINRIFKGAASEQSETVQPGDEILQLGGTAMQGLTRFEAW
NIIKALPDGPVTIVIRRKSLQS
;
C
#
# COMPACT_ATOMS: atom_id res chain seq x y z
N ASP A 1 21.76 7.88 13.89
CA ASP A 1 20.99 7.43 12.74
C ASP A 1 20.78 8.59 11.81
N ILE A 2 20.76 8.30 10.51
CA ILE A 2 20.52 9.31 9.51
C ILE A 2 19.04 9.66 9.49
N VAL A 3 18.74 10.95 9.47
CA VAL A 3 17.36 11.41 9.40
C VAL A 3 17.07 12.03 8.03
N LEU A 4 16.02 11.56 7.37
CA LEU A 4 15.62 12.12 6.09
C LEU A 4 14.43 13.05 6.29
N THR A 5 14.58 14.28 5.81
CA THR A 5 13.50 15.26 5.88
C THR A 5 12.97 15.60 4.50
N GLN A 6 11.69 15.34 4.26
CA GLN A 6 11.09 15.65 2.97
C GLN A 6 10.41 17.02 2.99
N SER A 7 10.34 17.64 1.82
CA SER A 7 9.69 18.93 1.67
C SER A 7 9.10 18.97 0.29
N PRO A 8 7.85 19.46 0.17
CA PRO A 8 6.96 19.84 1.27
C PRO A 8 6.30 18.62 1.90
N ALA A 9 5.43 18.83 2.87
CA ALA A 9 4.67 17.73 3.46
C ALA A 9 3.51 17.35 2.53
N SER A 10 3.01 18.33 1.79
CA SER A 10 2.02 18.09 0.75
C SER A 10 2.09 19.16 -0.33
N LEU A 11 1.66 18.80 -1.54
CA LEU A 11 1.56 19.76 -2.61
C LEU A 11 0.49 19.34 -3.59
N ALA A 12 -0.08 20.31 -4.28
CA ALA A 12 -1.06 20.07 -5.32
C ALA A 12 -0.52 20.59 -6.63
N VAL A 13 -0.77 19.86 -7.70
CA VAL A 13 -0.18 20.16 -9.00
C VAL A 13 -1.19 19.86 -10.10
N SER A 14 -1.28 20.73 -11.10
CA SER A 14 -2.22 20.51 -12.19
C SER A 14 -1.73 19.44 -13.17
N LEU A 15 -2.67 18.81 -13.86
CA LEU A 15 -2.37 17.86 -14.92
C LEU A 15 -1.41 18.45 -15.94
N GLY A 16 -0.38 17.68 -16.29
CA GLY A 16 0.58 18.12 -17.27
C GLY A 16 1.67 19.02 -16.70
N GLN A 17 1.54 19.43 -15.45
CA GLN A 17 2.55 20.26 -14.82
C GLN A 17 3.62 19.43 -14.15
N ARG A 18 4.52 20.12 -13.44
CA ARG A 18 5.69 19.47 -12.85
C ARG A 18 5.59 19.41 -11.33
N ALA A 19 5.75 18.22 -10.79
CA ALA A 19 5.83 18.07 -9.35
C ALA A 19 7.29 17.89 -8.92
N THR A 20 7.72 18.65 -7.92
CA THR A 20 9.08 18.55 -7.42
C THR A 20 9.09 18.32 -5.91
N ILE A 21 9.69 17.21 -5.50
CA ILE A 21 9.75 16.83 -4.09
C ILE A 21 11.21 16.68 -3.69
N SER A 22 11.58 17.20 -2.53
CA SER A 22 12.98 17.10 -2.13
C SER A 22 13.14 16.25 -0.88
N CYS A 23 14.31 15.63 -0.77
CA CYS A 23 14.69 14.90 0.43
C CYS A 23 16.03 15.45 0.90
N ARG A 24 16.13 15.78 2.18
CA ARG A 24 17.41 16.21 2.72
C ARG A 24 17.87 15.25 3.82
N ALA A 25 19.10 14.74 3.69
CA ALA A 25 19.65 13.80 4.67
C ALA A 25 20.49 14.53 5.70
N SER A 26 20.44 14.06 6.95
CA SER A 26 21.20 14.68 8.04
C SER A 26 22.70 14.53 7.87
N LYS A 27 23.14 13.56 7.07
CA LYS A 27 24.53 13.51 6.64
C LYS A 27 24.59 12.77 5.32
N SER A 28 25.76 12.82 4.68
CA SER A 28 25.89 12.32 3.32
C SER A 28 25.52 10.86 3.16
N VAL A 29 24.85 10.53 2.07
CA VAL A 29 24.57 9.14 1.75
C VAL A 29 25.27 8.72 0.46
N SER A 30 26.23 9.53 0.02
CA SER A 30 27.03 9.17 -1.14
C SER A 30 28.39 8.58 -0.73
N THR A 31 28.79 7.49 -1.39
CA THR A 31 30.12 6.89 -1.20
C THR A 31 30.43 5.90 -2.31
N SER A 32 31.71 5.71 -2.60
CA SER A 32 32.17 4.75 -3.62
C SER A 32 31.50 4.93 -4.99
N GLY A 33 31.18 6.17 -5.37
CA GLY A 33 30.59 6.41 -6.66
C GLY A 33 29.07 6.30 -6.69
N TYR A 34 28.47 5.88 -5.58
CA TYR A 34 27.01 5.79 -5.45
C TYR A 34 26.41 6.84 -4.53
N SER A 35 25.15 7.21 -4.81
CA SER A 35 24.32 7.86 -3.81
C SER A 35 23.22 6.86 -3.37
N TYR A 36 23.30 6.39 -2.12
CA TYR A 36 22.39 5.35 -1.64
C TYR A 36 21.05 5.92 -1.18
N MET A 37 20.29 6.43 -2.13
CA MET A 37 19.05 7.14 -1.87
C MET A 37 18.02 6.60 -2.86
N HIS A 38 16.84 6.22 -2.39
CA HIS A 38 15.85 5.63 -3.28
C HIS A 38 14.47 6.27 -3.08
N TRP A 39 13.62 6.22 -4.11
CA TRP A 39 12.27 6.81 -4.03
C TRP A 39 11.15 5.80 -4.26
N TYR A 40 10.08 5.95 -3.48
CA TYR A 40 8.93 5.05 -3.50
C TYR A 40 7.64 5.85 -3.60
N GLN A 41 6.67 5.22 -4.25
CA GLN A 41 5.31 5.71 -4.33
C GLN A 41 4.37 4.80 -3.54
N GLN A 42 3.49 5.37 -2.72
CA GLN A 42 2.53 4.49 -2.02
C GLN A 42 1.09 5.02 -2.14
N LYS A 43 0.21 4.15 -2.61
CA LYS A 43 -1.23 4.40 -2.67
C LYS A 43 -1.91 3.62 -1.55
N PRO A 44 -3.09 4.08 -1.10
CA PRO A 44 -3.68 3.46 0.08
C PRO A 44 -3.98 1.99 -0.14
N GLY A 45 -3.77 1.17 0.88
CA GLY A 45 -4.04 -0.25 0.80
C GLY A 45 -2.95 -1.05 0.11
N GLN A 46 -1.89 -0.39 -0.36
CA GLN A 46 -0.80 -1.06 -1.08
C GLN A 46 0.54 -0.81 -0.42
N PRO A 47 1.50 -1.73 -0.61
CA PRO A 47 2.85 -1.44 -0.14
C PRO A 47 3.44 -0.33 -0.96
N PRO A 48 4.53 0.28 -0.48
CA PRO A 48 5.29 1.22 -1.33
C PRO A 48 5.77 0.53 -2.60
N LYS A 49 5.89 1.32 -3.67
CA LYS A 49 6.39 0.84 -4.93
C LYS A 49 7.67 1.62 -5.30
N LEU A 50 8.72 0.88 -5.61
CA LEU A 50 10.01 1.49 -5.98
C LEU A 50 9.93 2.25 -7.30
N LEU A 51 10.32 3.52 -7.28
CA LEU A 51 10.31 4.35 -8.49
C LEU A 51 11.72 4.58 -9.04
N ILE A 52 12.59 5.06 -8.17
CA ILE A 52 13.96 5.46 -8.49
C ILE A 52 14.92 4.83 -7.50
N TYR A 53 15.98 4.18 -7.98
CA TYR A 53 17.03 3.68 -7.07
C TYR A 53 18.39 4.33 -7.30
N LEU A 54 19.21 4.36 -6.24
CA LEU A 54 20.52 4.99 -6.27
C LEU A 54 20.44 6.39 -6.91
N ALA A 55 19.48 7.16 -6.42
CA ALA A 55 19.33 8.61 -6.67
C ALA A 55 18.74 8.96 -8.03
N SER A 56 19.15 8.28 -9.10
CA SER A 56 18.75 8.72 -10.43
C SER A 56 18.38 7.62 -11.40
N ASN A 57 18.38 6.36 -10.97
CA ASN A 57 18.02 5.31 -11.91
C ASN A 57 16.57 4.89 -11.85
N LEU A 58 15.95 4.86 -13.02
CA LEU A 58 14.54 4.52 -13.18
C LEU A 58 14.32 3.02 -13.03
N GLU A 59 13.46 2.61 -12.11
CA GLU A 59 13.21 1.18 -11.93
C GLU A 59 12.50 0.69 -13.17
N SER A 60 12.76 -0.55 -13.57
CA SER A 60 12.13 -1.10 -14.76
C SER A 60 10.62 -1.10 -14.62
N GLY A 61 9.94 -0.67 -15.67
CA GLY A 61 8.49 -0.63 -15.65
C GLY A 61 7.91 0.66 -15.10
N VAL A 62 8.77 1.55 -14.63
CA VAL A 62 8.31 2.85 -14.14
C VAL A 62 8.35 3.87 -15.27
N PRO A 63 7.26 4.64 -15.44
CA PRO A 63 7.15 5.61 -16.55
C PRO A 63 8.22 6.68 -16.53
N ALA A 64 8.63 7.11 -17.72
CA ALA A 64 9.78 8.00 -17.87
C ALA A 64 9.54 9.40 -17.32
N ARG A 65 8.29 9.69 -16.93
CA ARG A 65 7.97 10.99 -16.37
C ARG A 65 8.50 11.15 -14.95
N PHE A 66 8.95 10.05 -14.35
CA PHE A 66 9.62 10.10 -13.05
C PHE A 66 11.14 10.20 -13.23
N SER A 67 11.76 11.10 -12.49
CA SER A 67 13.21 11.16 -12.50
C SER A 67 13.68 11.65 -11.15
N GLY A 68 14.93 11.36 -10.83
CA GLY A 68 15.48 11.83 -9.57
C GLY A 68 16.88 12.33 -9.81
N SER A 69 17.38 13.17 -8.92
CA SER A 69 18.72 13.70 -9.05
C SER A 69 19.23 14.10 -7.67
N GLY A 70 20.50 14.44 -7.61
CA GLY A 70 21.11 14.89 -6.36
C GLY A 70 22.28 14.03 -5.94
N SER A 71 22.93 14.44 -4.85
CA SER A 71 24.01 13.68 -4.25
C SER A 71 24.31 14.27 -2.88
N GLY A 72 25.16 13.57 -2.12
CA GLY A 72 25.53 14.04 -0.81
C GLY A 72 24.37 14.01 0.17
N THR A 73 23.83 15.18 0.50
CA THR A 73 22.72 15.28 1.44
C THR A 73 21.44 15.83 0.83
N ASP A 74 21.42 16.08 -0.48
CA ASP A 74 20.26 16.73 -1.09
C ASP A 74 19.76 16.07 -2.37
N PHE A 75 18.49 15.65 -2.35
CA PHE A 75 17.94 14.86 -3.44
C PHE A 75 16.58 15.38 -3.82
N THR A 76 16.21 15.16 -5.08
CA THR A 76 14.92 15.62 -5.54
C THR A 76 14.31 14.59 -6.48
N LEU A 77 13.03 14.35 -6.25
CA LEU A 77 12.20 13.56 -7.15
C LEU A 77 11.37 14.51 -8.03
N ASN A 78 11.36 14.25 -9.34
CA ASN A 78 10.58 15.05 -10.27
C ASN A 78 9.58 14.21 -11.03
N ILE A 79 8.36 14.71 -11.15
CA ILE A 79 7.37 14.08 -12.01
C ILE A 79 6.88 15.08 -13.04
N HIS A 80 7.03 14.75 -14.32
CA HIS A 80 6.65 15.68 -15.38
C HIS A 80 6.53 14.98 -16.72
N PRO A 81 5.36 15.07 -17.36
CA PRO A 81 4.13 15.74 -16.89
C PRO A 81 3.31 14.88 -15.92
N VAL A 82 2.83 15.51 -14.86
CA VAL A 82 2.00 14.85 -13.87
C VAL A 82 0.67 14.33 -14.46
N GLU A 83 0.24 13.14 -14.05
CA GLU A 83 -1.02 12.55 -14.49
C GLU A 83 -1.90 12.16 -13.31
N GLU A 84 -3.18 11.87 -13.58
CA GLU A 84 -4.16 11.57 -12.54
C GLU A 84 -3.70 10.48 -11.57
N GLU A 85 -3.14 9.41 -12.14
CA GLU A 85 -2.78 8.27 -11.32
C GLU A 85 -1.55 8.51 -10.43
N ASP A 86 -0.95 9.70 -10.52
CA ASP A 86 0.20 10.01 -9.68
C ASP A 86 -0.21 10.51 -8.29
N ALA A 87 -1.50 10.68 -8.07
CA ALA A 87 -2.02 10.94 -6.74
C ALA A 87 -1.60 9.83 -5.78
N ALA A 88 -0.76 10.19 -4.81
CA ALA A 88 -0.11 9.22 -3.94
C ALA A 88 0.72 9.94 -2.92
N THR A 89 1.29 9.18 -1.99
CA THR A 89 2.28 9.68 -1.05
C THR A 89 3.64 9.15 -1.52
N TYR A 90 4.65 10.02 -1.54
CA TYR A 90 5.99 9.66 -2.02
C TYR A 90 7.00 9.64 -0.90
N TYR A 91 7.86 8.62 -0.89
CA TYR A 91 8.82 8.46 0.20
C TYR A 91 10.26 8.33 -0.29
N CYS A 92 11.20 8.93 0.45
CA CYS A 92 12.60 8.65 0.22
C CYS A 92 13.13 7.66 1.26
N GLN A 93 14.21 6.96 0.94
CA GLN A 93 14.85 5.97 1.82
C GLN A 93 16.36 5.93 1.52
N HIS A 94 17.20 5.90 2.54
CA HIS A 94 18.64 5.76 2.31
C HIS A 94 19.07 4.35 2.67
N SER A 95 20.12 3.87 2.03
CA SER A 95 20.76 2.64 2.47
C SER A 95 22.26 2.85 2.62
N ARG A 96 22.64 4.03 3.09
CA ARG A 96 24.07 4.36 3.26
C ARG A 96 24.75 3.55 4.36
N GLU A 97 24.02 3.34 5.45
CA GLU A 97 24.54 2.64 6.61
C GLU A 97 23.39 2.23 7.52
N LEU A 98 23.66 1.35 8.47
CA LEU A 98 22.60 0.90 9.36
C LEU A 98 22.32 1.97 10.41
N PRO A 99 21.05 2.16 10.76
CA PRO A 99 19.86 1.53 10.17
C PRO A 99 19.35 2.28 8.96
N TYR A 100 18.77 1.58 8.00
CA TYR A 100 18.10 2.22 6.89
C TYR A 100 16.92 3.03 7.45
N THR A 101 16.68 4.22 6.90
CA THR A 101 15.55 5.00 7.38
C THR A 101 14.80 5.61 6.21
N PHE A 102 13.57 6.04 6.48
CA PHE A 102 12.68 6.62 5.49
C PHE A 102 12.38 8.06 5.85
N GLY A 103 12.09 8.88 4.84
CA GLY A 103 11.55 10.20 5.09
C GLY A 103 10.09 10.11 5.54
N GLY A 104 9.51 11.25 5.89
CA GLY A 104 8.17 11.28 6.45
C GLY A 104 7.07 11.23 5.41
N GLY A 105 7.44 11.36 4.14
CA GLY A 105 6.46 11.26 3.08
C GLY A 105 5.94 12.62 2.62
N THR A 106 5.57 12.67 1.35
CA THR A 106 4.98 13.86 0.75
C THR A 106 3.74 13.44 0.00
N LYS A 107 2.58 13.99 0.36
CA LYS A 107 1.36 13.64 -0.36
C LYS A 107 1.12 14.56 -1.55
N LEU A 108 0.90 13.95 -2.71
CA LEU A 108 0.69 14.70 -3.93
C LEU A 108 -0.78 14.65 -4.35
N GLU A 109 -1.42 15.82 -4.36
CA GLU A 109 -2.79 15.97 -4.86
C GLU A 109 -2.81 16.49 -6.30
N ILE A 110 -3.60 15.86 -7.17
CA ILE A 110 -3.78 16.34 -8.53
C ILE A 110 -4.94 17.34 -8.56
N LYS A 111 -4.67 18.58 -8.98
CA LYS A 111 -5.74 19.56 -9.15
C LYS A 111 -6.62 19.21 -10.35
N ARG A 112 -7.88 19.63 -10.28
CA ARG A 112 -8.79 19.49 -11.41
C ARG A 112 -9.87 20.58 -11.30
N THR A 113 -10.81 20.57 -12.23
CA THR A 113 -11.91 21.53 -12.18
C THR A 113 -12.84 21.23 -11.01
N VAL A 114 -13.46 22.26 -10.46
CA VAL A 114 -14.47 22.09 -9.43
C VAL A 114 -15.57 21.14 -9.90
N ALA A 115 -15.96 20.21 -9.03
CA ALA A 115 -16.98 19.22 -9.35
C ALA A 115 -17.92 19.06 -8.16
N ALA A 116 -19.20 19.21 -8.42
CA ALA A 116 -20.20 19.11 -7.37
C ALA A 116 -20.52 17.65 -7.08
N PRO A 117 -20.78 17.34 -5.81
CA PRO A 117 -21.13 15.97 -5.46
C PRO A 117 -22.50 15.55 -5.97
N SER A 118 -22.66 14.32 -6.41
CA SER A 118 -23.99 13.72 -6.50
C SER A 118 -24.34 13.22 -5.11
N VAL A 119 -25.54 13.49 -4.65
CA VAL A 119 -25.91 13.20 -3.27
C VAL A 119 -26.98 12.10 -3.19
N PHE A 120 -26.79 11.14 -2.28
CA PHE A 120 -27.75 10.06 -2.10
C PHE A 120 -28.00 9.82 -0.62
N ILE A 121 -29.24 9.49 -0.25
CA ILE A 121 -29.53 9.14 1.14
C ILE A 121 -30.11 7.73 1.20
N PHE A 122 -29.76 7.01 2.25
CA PHE A 122 -30.17 5.63 2.43
C PHE A 122 -30.82 5.44 3.78
N PRO A 123 -32.05 4.94 3.80
CA PRO A 123 -32.71 4.62 5.07
C PRO A 123 -32.10 3.37 5.69
N PRO A 124 -32.31 3.15 7.00
CA PRO A 124 -31.93 1.89 7.64
C PRO A 124 -32.62 0.73 6.95
N SER A 125 -31.95 -0.40 6.85
CA SER A 125 -32.59 -1.60 6.32
C SER A 125 -33.46 -2.21 7.39
N ASP A 126 -34.51 -2.92 6.97
CA ASP A 126 -35.34 -3.63 7.94
C ASP A 126 -34.54 -4.66 8.72
N GLU A 127 -33.55 -5.25 8.08
CA GLU A 127 -32.71 -6.24 8.75
C GLU A 127 -32.00 -5.63 9.95
N GLN A 128 -31.46 -4.43 9.78
CA GLN A 128 -30.79 -3.74 10.88
C GLN A 128 -31.76 -3.42 12.00
N LEU A 129 -32.94 -2.94 11.65
CA LEU A 129 -33.92 -2.47 12.61
C LEU A 129 -34.28 -3.54 13.64
N LYS A 130 -34.30 -4.79 13.19
CA LYS A 130 -34.45 -5.93 14.09
C LYS A 130 -33.50 -5.90 15.30
N SER A 131 -32.31 -5.34 15.12
CA SER A 131 -31.28 -5.43 16.16
C SER A 131 -31.32 -4.25 17.14
N GLY A 132 -32.21 -3.29 16.90
CA GLY A 132 -32.40 -2.18 17.82
C GLY A 132 -31.67 -0.90 17.47
N THR A 133 -30.93 -0.94 16.37
CA THR A 133 -30.19 0.25 15.94
C THR A 133 -30.59 0.58 14.52
N ALA A 134 -30.54 1.86 14.20
CA ALA A 134 -30.78 2.34 12.85
C ALA A 134 -29.61 3.19 12.40
N SER A 135 -29.09 2.91 11.20
CA SER A 135 -28.10 3.78 10.58
C SER A 135 -28.68 4.42 9.34
N VAL A 136 -28.57 5.73 9.26
CA VAL A 136 -28.95 6.46 8.05
C VAL A 136 -27.67 6.95 7.39
N VAL A 137 -27.58 6.80 6.07
CA VAL A 137 -26.33 7.06 5.37
C VAL A 137 -26.53 8.06 4.24
N CYS A 138 -25.68 9.08 4.25
CA CYS A 138 -25.67 10.10 3.23
C CYS A 138 -24.37 9.99 2.45
N LEU A 139 -24.47 9.79 1.14
CA LEU A 139 -23.30 9.64 0.30
C LEU A 139 -23.09 10.87 -0.60
N LEU A 140 -21.87 11.40 -0.60
CA LEU A 140 -21.48 12.46 -1.52
C LEU A 140 -20.49 11.86 -2.51
N ASN A 141 -20.88 11.82 -3.77
CA ASN A 141 -20.10 11.06 -4.74
C ASN A 141 -19.35 11.93 -5.75
N ASN A 142 -18.04 11.66 -5.89
CA ASN A 142 -17.17 12.22 -6.93
C ASN A 142 -17.14 13.74 -7.04
N PHE A 143 -16.67 14.40 -5.99
CA PHE A 143 -16.61 15.85 -5.98
C PHE A 143 -15.17 16.37 -5.84
N TYR A 144 -15.01 17.67 -6.08
CA TYR A 144 -13.74 18.36 -5.90
C TYR A 144 -14.00 19.86 -5.80
N PRO A 145 -13.34 20.55 -4.84
CA PRO A 145 -12.31 20.08 -3.92
C PRO A 145 -12.83 19.25 -2.76
N ARG A 146 -11.91 18.84 -1.89
CA ARG A 146 -12.18 17.90 -0.82
C ARG A 146 -13.13 18.46 0.24
N GLU A 147 -13.11 19.77 0.48
CA GLU A 147 -13.92 20.37 1.54
C GLU A 147 -15.43 20.28 1.25
N ALA A 148 -16.16 19.73 2.20
CA ALA A 148 -17.61 19.59 2.06
C ALA A 148 -18.26 19.61 3.41
N LYS A 149 -19.50 20.06 3.45
CA LYS A 149 -20.22 20.15 4.70
C LYS A 149 -21.51 19.34 4.62
N VAL A 150 -21.75 18.52 5.64
CA VAL A 150 -22.96 17.71 5.68
C VAL A 150 -23.71 17.93 6.98
N GLN A 151 -24.99 18.25 6.85
CA GLN A 151 -25.82 18.56 8.00
C GLN A 151 -27.03 17.63 8.08
N TRP A 152 -27.21 16.95 9.19
CA TRP A 152 -28.35 16.06 9.35
C TRP A 152 -29.53 16.73 10.07
N LYS A 153 -30.75 16.53 9.56
CA LYS A 153 -31.98 16.92 10.26
C LYS A 153 -33.01 15.80 10.33
N VAL A 154 -33.56 15.60 11.51
CA VAL A 154 -34.63 14.66 11.77
C VAL A 154 -35.85 15.44 12.28
N ASP A 155 -36.90 15.50 11.45
CA ASP A 155 -38.09 16.34 11.74
C ASP A 155 -37.65 17.77 12.06
N ASN A 156 -36.80 18.28 11.19
CA ASN A 156 -36.11 19.56 11.31
C ASN A 156 -35.34 19.82 12.62
N ALA A 157 -35.04 18.76 13.37
CA ALA A 157 -34.11 18.89 14.50
C ALA A 157 -32.68 18.63 14.04
N LEU A 158 -31.82 19.63 14.13
CA LEU A 158 -30.41 19.49 13.78
C LEU A 158 -29.74 18.41 14.64
N GLN A 159 -29.10 17.46 13.97
CA GLN A 159 -28.41 16.36 14.66
C GLN A 159 -26.95 16.72 14.93
N SER A 160 -26.55 16.71 16.19
CA SER A 160 -25.18 17.10 16.52
C SER A 160 -24.49 16.11 17.44
N GLY A 161 -23.42 15.50 16.95
CA GLY A 161 -22.62 14.60 17.76
C GLY A 161 -22.93 13.12 17.59
N ASN A 162 -23.90 12.79 16.75
CA ASN A 162 -24.27 11.38 16.58
C ASN A 162 -24.09 10.91 15.13
N SER A 163 -23.17 11.55 14.43
CA SER A 163 -22.80 11.11 13.09
C SER A 163 -21.29 11.02 12.91
N GLN A 164 -20.84 10.17 11.98
CA GLN A 164 -19.41 10.08 11.64
C GLN A 164 -19.22 10.13 10.14
N GLU A 165 -18.15 10.79 9.71
CA GLU A 165 -17.83 10.92 8.30
C GLU A 165 -16.60 10.11 7.93
N SER A 166 -16.57 9.63 6.69
CA SER A 166 -15.41 8.97 6.13
C SER A 166 -15.21 9.49 4.71
N VAL A 167 -13.96 9.73 4.34
CA VAL A 167 -13.62 10.27 3.03
C VAL A 167 -12.63 9.37 2.29
N THR A 168 -12.85 9.16 0.99
CA THR A 168 -11.91 8.36 0.22
C THR A 168 -10.64 9.13 -0.08
N GLU A 169 -9.61 8.39 -0.48
CA GLU A 169 -8.44 8.95 -1.13
C GLU A 169 -8.85 9.54 -2.48
N GLN A 170 -8.02 10.42 -3.02
CA GLN A 170 -8.30 11.01 -4.32
C GLN A 170 -8.33 9.92 -5.39
N ASP A 171 -9.37 9.92 -6.21
CA ASP A 171 -9.54 8.87 -7.20
C ASP A 171 -8.41 8.89 -8.21
N SER A 172 -7.90 7.70 -8.57
CA SER A 172 -6.76 7.64 -9.47
C SER A 172 -7.09 8.00 -10.92
N LYS A 173 -8.37 8.12 -11.22
CA LYS A 173 -8.82 8.33 -12.59
C LYS A 173 -9.42 9.71 -12.84
N ASP A 174 -10.30 10.18 -11.94
CA ASP A 174 -10.93 11.47 -12.19
C ASP A 174 -10.53 12.53 -11.16
N SER A 175 -9.68 12.13 -10.20
CA SER A 175 -9.11 13.04 -9.22
C SER A 175 -10.14 13.62 -8.25
N THR A 176 -11.28 12.96 -8.14
CA THR A 176 -12.30 13.40 -7.19
C THR A 176 -12.23 12.65 -5.88
N TYR A 177 -13.02 13.12 -4.92
CA TYR A 177 -13.20 12.47 -3.62
C TYR A 177 -14.64 12.02 -3.44
N SER A 178 -14.86 11.10 -2.51
CA SER A 178 -16.21 10.79 -2.12
C SER A 178 -16.27 10.77 -0.61
N LEU A 179 -17.47 10.88 -0.08
CA LEU A 179 -17.62 11.03 1.35
C LEU A 179 -18.93 10.37 1.77
N SER A 180 -18.89 9.65 2.89
CA SER A 180 -20.10 9.14 3.49
C SER A 180 -20.27 9.76 4.85
N SER A 181 -21.52 10.00 5.23
CA SER A 181 -21.81 10.39 6.59
C SER A 181 -22.90 9.49 7.13
N THR A 182 -22.63 8.88 8.27
CA THR A 182 -23.53 7.92 8.86
C THR A 182 -24.13 8.46 10.16
N LEU A 183 -25.44 8.63 10.16
CA LEU A 183 -26.20 8.99 11.35
C LEU A 183 -26.65 7.76 12.12
N THR A 184 -26.36 7.69 13.41
CA THR A 184 -26.79 6.58 14.23
C THR A 184 -27.95 6.99 15.14
N LEU A 185 -28.99 6.16 15.16
CA LEU A 185 -30.17 6.37 16.00
C LEU A 185 -30.58 5.06 16.62
N SER A 186 -31.18 5.10 17.80
CA SER A 186 -31.81 3.90 18.34
C SER A 186 -33.03 3.61 17.46
N LYS A 187 -33.45 2.35 17.42
CA LYS A 187 -34.63 2.00 16.66
C LYS A 187 -35.85 2.77 17.19
N ALA A 188 -35.97 2.87 18.51
CA ALA A 188 -37.10 3.57 19.11
C ALA A 188 -37.21 5.00 18.61
N ASP A 189 -36.08 5.71 18.60
CA ASP A 189 -36.05 7.08 18.09
C ASP A 189 -36.33 7.13 16.59
N TYR A 190 -35.79 6.18 15.84
CA TYR A 190 -35.99 6.18 14.40
C TYR A 190 -37.50 6.08 14.07
N GLU A 191 -38.21 5.31 14.87
CA GLU A 191 -39.63 5.11 14.62
C GLU A 191 -40.52 6.26 15.10
N LYS A 192 -40.01 7.11 16.01
CA LYS A 192 -40.75 8.29 16.47
C LYS A 192 -40.80 9.42 15.44
N HIS A 193 -39.95 9.37 14.42
CA HIS A 193 -39.88 10.51 13.52
C HIS A 193 -40.15 10.13 12.08
N LYS A 194 -40.43 11.14 11.26
CA LYS A 194 -40.85 10.91 9.87
C LYS A 194 -39.84 11.39 8.83
N VAL A 195 -39.43 12.65 8.91
CA VAL A 195 -38.58 13.22 7.88
C VAL A 195 -37.11 13.12 8.25
N TYR A 196 -36.33 12.48 7.37
CA TYR A 196 -34.90 12.31 7.57
C TYR A 196 -34.19 12.94 6.42
N ALA A 197 -33.28 13.87 6.71
CA ALA A 197 -32.72 14.71 5.67
C ALA A 197 -31.23 15.02 5.88
N CYS A 198 -30.45 14.97 4.79
CA CYS A 198 -29.08 15.47 4.88
C CYS A 198 -28.89 16.60 3.89
N GLU A 199 -28.25 17.65 4.36
CA GLU A 199 -28.05 18.84 3.57
C GLU A 199 -26.57 19.05 3.26
N VAL A 200 -26.25 19.15 1.97
CA VAL A 200 -24.87 19.21 1.55
C VAL A 200 -24.46 20.58 1.04
N THR A 201 -23.43 21.16 1.65
CA THR A 201 -22.82 22.39 1.13
C THR A 201 -21.48 22.08 0.45
N HIS A 202 -21.24 22.66 -0.72
CA HIS A 202 -19.98 22.47 -1.42
C HIS A 202 -19.77 23.58 -2.42
N GLN A 203 -18.51 23.89 -2.70
CA GLN A 203 -18.14 24.96 -3.64
C GLN A 203 -18.75 24.81 -5.02
N GLY A 204 -19.02 23.57 -5.43
CA GLY A 204 -19.57 23.30 -6.75
C GLY A 204 -21.08 23.43 -6.81
N LEU A 205 -21.70 23.66 -5.66
CA LEU A 205 -23.14 23.88 -5.59
C LEU A 205 -23.43 25.37 -5.36
N SER A 206 -24.30 25.95 -6.20
CA SER A 206 -24.68 27.35 -6.02
C SER A 206 -25.43 27.51 -4.70
N SER A 207 -26.32 26.56 -4.41
CA SER A 207 -27.01 26.53 -3.13
C SER A 207 -26.91 25.13 -2.53
N PRO A 208 -27.11 25.01 -1.21
CA PRO A 208 -27.09 23.68 -0.56
C PRO A 208 -28.12 22.71 -1.15
N VAL A 209 -27.75 21.43 -1.24
CA VAL A 209 -28.66 20.41 -1.73
C VAL A 209 -29.13 19.55 -0.59
N THR A 210 -30.43 19.29 -0.53
CA THR A 210 -30.99 18.40 0.47
C THR A 210 -31.53 17.11 -0.15
N LYS A 211 -31.16 15.98 0.43
CA LYS A 211 -31.84 14.74 0.08
C LYS A 211 -32.57 14.28 1.32
N SER A 212 -33.80 13.83 1.16
CA SER A 212 -34.55 13.35 2.30
C SER A 212 -35.42 12.16 1.95
N PHE A 213 -35.87 11.45 2.98
CA PHE A 213 -36.91 10.47 2.80
C PHE A 213 -37.87 10.55 3.96
N ASN A 214 -39.09 10.09 3.74
CA ASN A 214 -40.04 9.88 4.81
C ASN A 214 -40.08 8.40 5.17
N ARG A 215 -39.92 8.13 6.47
CA ARG A 215 -39.93 6.77 6.96
C ARG A 215 -41.22 6.07 6.58
N GLY A 216 -41.12 4.87 6.05
CA GLY A 216 -42.29 4.05 5.75
C GLY A 216 -42.93 4.36 4.41
N GLU A 217 -42.30 5.25 3.64
CA GLU A 217 -42.79 5.55 2.31
C GLU A 217 -41.80 5.08 1.28
N CYS A 218 -42.24 4.94 0.03
CA CYS A 218 -41.31 4.59 -1.05
C CYS A 218 -41.67 5.31 -2.34
N GLU B 1 5.84 -11.88 -11.75
CA GLU B 1 6.83 -12.95 -11.69
C GLU B 1 7.22 -13.18 -10.22
N VAL B 2 7.90 -12.21 -9.60
CA VAL B 2 8.25 -12.29 -8.19
C VAL B 2 6.98 -12.06 -7.37
N GLN B 3 6.75 -12.90 -6.37
CA GLN B 3 5.67 -12.66 -5.41
C GLN B 3 6.16 -12.89 -3.99
N LEU B 4 5.76 -11.99 -3.10
CA LEU B 4 5.95 -12.16 -1.66
C LEU B 4 4.57 -12.20 -1.02
N GLN B 5 4.19 -13.36 -0.48
CA GLN B 5 2.85 -13.54 0.08
C GLN B 5 2.91 -13.61 1.60
N GLN B 6 2.32 -12.64 2.28
CA GLN B 6 2.36 -12.62 3.74
C GLN B 6 1.16 -13.31 4.36
N SER B 7 1.31 -13.73 5.61
CA SER B 7 0.23 -14.33 6.38
C SER B 7 -0.84 -13.27 6.72
N GLY B 8 -1.97 -13.72 7.22
CA GLY B 8 -3.13 -12.86 7.42
C GLY B 8 -3.07 -11.97 8.65
N PRO B 9 -4.03 -11.05 8.76
CA PRO B 9 -4.13 -10.12 9.88
C PRO B 9 -4.39 -10.89 11.17
N GLU B 10 -4.01 -10.31 12.31
CA GLU B 10 -4.09 -11.02 13.57
C GLU B 10 -4.37 -10.05 14.71
N LEU B 11 -5.20 -10.51 15.63
CA LEU B 11 -5.44 -9.82 16.88
C LEU B 11 -4.73 -10.62 17.97
N VAL B 12 -3.95 -9.94 18.80
CA VAL B 12 -3.13 -10.60 19.77
C VAL B 12 -3.18 -9.82 21.07
N LYS B 13 -3.12 -10.52 22.20
CA LYS B 13 -3.22 -9.87 23.50
C LYS B 13 -1.88 -9.26 23.92
N PRO B 14 -1.93 -8.13 24.63
CA PRO B 14 -0.72 -7.54 25.20
C PRO B 14 0.11 -8.58 25.96
N GLY B 15 1.43 -8.53 25.78
CA GLY B 15 2.33 -9.42 26.47
C GLY B 15 2.56 -10.73 25.75
N ALA B 16 1.75 -11.01 24.73
CA ALA B 16 1.96 -12.23 23.98
C ALA B 16 3.01 -11.99 22.88
N SER B 17 3.32 -13.04 22.11
CA SER B 17 4.17 -12.88 20.95
C SER B 17 3.40 -13.43 19.75
N MET B 18 3.90 -13.18 18.54
CA MET B 18 3.26 -13.68 17.32
C MET B 18 4.28 -13.73 16.18
N LYS B 19 4.01 -14.57 15.18
CA LYS B 19 4.89 -14.69 14.02
C LYS B 19 4.16 -14.31 12.74
N ILE B 20 4.81 -13.51 11.91
CA ILE B 20 4.33 -13.19 10.57
C ILE B 20 5.19 -13.94 9.56
N SER B 21 4.55 -14.55 8.56
CA SER B 21 5.30 -15.28 7.54
C SER B 21 5.32 -14.51 6.22
N CYS B 22 6.34 -14.77 5.41
CA CYS B 22 6.46 -14.19 4.09
C CYS B 22 6.97 -15.26 3.15
N LYS B 23 6.10 -15.78 2.29
CA LYS B 23 6.49 -16.85 1.38
C LYS B 23 6.91 -16.30 0.00
N ALA B 24 8.14 -16.56 -0.40
CA ALA B 24 8.68 -16.01 -1.65
C ALA B 24 8.55 -16.98 -2.81
N SER B 25 8.15 -16.47 -3.97
CA SER B 25 8.10 -17.30 -5.17
C SER B 25 8.55 -16.51 -6.37
N GLY B 26 8.92 -17.20 -7.45
CA GLY B 26 9.31 -16.53 -8.66
C GLY B 26 10.74 -16.02 -8.68
N TYR B 27 11.52 -16.32 -7.66
CA TYR B 27 12.96 -16.02 -7.70
C TYR B 27 13.68 -16.95 -6.75
N SER B 28 15.02 -16.89 -6.75
CA SER B 28 15.80 -17.73 -5.82
C SER B 28 15.81 -17.17 -4.40
N PHE B 29 15.05 -17.81 -3.52
CA PHE B 29 14.86 -17.33 -2.16
C PHE B 29 16.19 -17.08 -1.45
N THR B 30 17.11 -18.04 -1.53
CA THR B 30 18.37 -17.90 -0.80
C THR B 30 19.38 -16.99 -1.52
N GLY B 31 18.94 -16.28 -2.56
CA GLY B 31 19.83 -15.39 -3.29
C GLY B 31 19.76 -13.92 -2.90
N TYR B 32 18.75 -13.55 -2.12
CA TYR B 32 18.45 -12.14 -1.85
C TYR B 32 18.14 -11.93 -0.39
N THR B 33 18.43 -10.75 0.14
CA THR B 33 18.10 -10.50 1.54
C THR B 33 16.62 -10.16 1.66
N MET B 34 16.04 -10.54 2.79
CA MET B 34 14.65 -10.24 3.08
C MET B 34 14.60 -9.18 4.17
N ASN B 35 13.90 -8.09 3.90
CA ASN B 35 13.76 -7.01 4.86
C ASN B 35 12.37 -7.00 5.48
N TRP B 36 12.27 -6.49 6.71
CA TRP B 36 10.97 -6.25 7.33
C TRP B 36 10.84 -4.78 7.68
N VAL B 37 9.66 -4.23 7.42
CA VAL B 37 9.34 -2.81 7.59
C VAL B 37 8.02 -2.62 8.36
N LYS B 38 7.99 -1.66 9.28
CA LYS B 38 6.78 -1.37 10.03
C LYS B 38 6.18 -0.03 9.54
N GLN B 39 4.89 -0.03 9.26
CA GLN B 39 4.19 1.23 8.97
C GLN B 39 3.08 1.46 10.00
N SER B 40 3.21 2.53 10.78
CA SER B 40 2.24 2.80 11.83
C SER B 40 1.76 4.24 11.75
N HIS B 41 0.89 4.62 12.66
CA HIS B 41 0.45 6.01 12.72
C HIS B 41 1.00 6.66 13.96
N GLY B 42 2.28 6.99 13.85
CA GLY B 42 3.10 7.51 14.92
C GLY B 42 4.48 7.86 14.37
N LYS B 43 5.08 6.91 13.64
CA LYS B 43 6.38 7.11 13.03
C LYS B 43 6.34 6.73 11.55
N ASN B 44 5.16 6.30 11.08
CA ASN B 44 4.95 5.82 9.73
C ASN B 44 5.95 4.80 9.21
N LEU B 45 6.84 5.06 8.26
CA LEU B 45 7.67 3.92 7.80
C LEU B 45 9.00 3.69 8.55
N GLU B 46 9.18 2.51 9.14
CA GLU B 46 10.42 2.15 9.86
C GLU B 46 11.00 0.80 9.43
N TRP B 47 12.30 0.79 9.17
CA TRP B 47 13.02 -0.44 8.84
C TRP B 47 13.37 -1.22 10.11
N ILE B 48 13.00 -2.49 10.14
CA ILE B 48 13.22 -3.33 11.33
C ILE B 48 14.54 -4.12 11.30
N GLY B 49 14.80 -4.77 10.18
CA GLY B 49 16.03 -5.54 10.02
C GLY B 49 16.01 -6.32 8.73
N LEU B 50 17.10 -7.02 8.43
CA LEU B 50 17.08 -7.91 7.29
C LEU B 50 17.78 -9.22 7.63
N ILE B 51 17.51 -10.23 6.82
CA ILE B 51 18.12 -11.53 6.99
C ILE B 51 18.51 -12.06 5.63
N ASN B 52 19.69 -12.65 5.57
CA ASN B 52 20.11 -13.33 4.37
C ASN B 52 19.74 -14.78 4.55
N PRO B 53 18.78 -15.29 3.76
CA PRO B 53 18.31 -16.66 3.97
C PRO B 53 19.39 -17.70 3.70
N TYR B 54 20.46 -17.32 3.01
CA TYR B 54 21.53 -18.28 2.70
C TYR B 54 22.17 -18.84 3.95
N ASN B 55 22.43 -17.95 4.91
CA ASN B 55 23.14 -18.33 6.13
C ASN B 55 22.47 -17.80 7.40
N SER B 56 21.27 -17.24 7.25
CA SER B 56 20.54 -16.64 8.36
C SER B 56 21.29 -15.50 9.04
N GLY B 57 22.30 -14.93 8.38
CA GLY B 57 22.93 -13.75 8.91
C GLY B 57 21.94 -12.59 8.89
N THR B 58 21.95 -11.74 9.91
CA THR B 58 20.96 -10.69 10.07
C THR B 58 21.56 -9.40 10.57
N ASN B 59 20.96 -8.28 10.20
CA ASN B 59 21.22 -6.99 10.82
C ASN B 59 19.91 -6.42 11.33
N TYR B 60 19.89 -5.90 12.56
CA TYR B 60 18.70 -5.30 13.11
C TYR B 60 18.84 -3.81 13.26
N ASN B 61 17.75 -3.09 13.05
CA ASN B 61 17.62 -1.75 13.60
C ASN B 61 17.66 -1.92 15.12
N GLN B 62 18.48 -1.12 15.81
CA GLN B 62 18.64 -1.31 17.25
C GLN B 62 17.38 -1.01 18.04
N LYS B 63 16.52 -0.16 17.48
CA LYS B 63 15.23 0.09 18.12
C LYS B 63 14.36 -1.16 18.23
N PHE B 64 14.64 -2.15 17.39
CA PHE B 64 13.83 -3.36 17.33
C PHE B 64 14.55 -4.59 17.84
N LYS B 65 15.77 -4.41 18.34
CA LYS B 65 16.61 -5.54 18.77
C LYS B 65 15.92 -6.47 19.79
N ASP B 66 15.11 -5.92 20.68
CA ASP B 66 14.47 -6.76 21.67
C ASP B 66 13.01 -7.05 21.31
N LYS B 67 12.60 -6.59 20.14
CA LYS B 67 11.21 -6.71 19.72
C LYS B 67 11.03 -7.78 18.65
N ALA B 68 11.99 -7.88 17.74
CA ALA B 68 11.83 -8.74 16.56
C ALA B 68 12.92 -9.79 16.44
N THR B 69 12.54 -10.97 15.95
CA THR B 69 13.48 -12.03 15.64
C THR B 69 13.16 -12.55 14.25
N LEU B 70 14.19 -12.62 13.40
CA LEU B 70 14.02 -13.07 12.03
C LEU B 70 14.53 -14.48 11.86
N ILE B 71 13.77 -15.33 11.17
CA ILE B 71 14.28 -16.64 10.80
C ILE B 71 13.83 -16.95 9.39
N VAL B 72 14.44 -17.98 8.79
CA VAL B 72 13.96 -18.48 7.51
C VAL B 72 13.79 -20.00 7.52
N ASP B 73 13.08 -20.51 6.53
CA ASP B 73 12.92 -21.93 6.30
C ASP B 73 13.18 -22.16 4.82
N LYS B 74 14.32 -22.76 4.49
CA LYS B 74 14.72 -22.92 3.11
C LYS B 74 13.82 -23.89 2.37
N SER B 75 13.36 -24.91 3.10
CA SER B 75 12.59 -25.97 2.48
C SER B 75 11.21 -25.47 2.03
N SER B 76 10.73 -24.38 2.62
CA SER B 76 9.44 -23.82 2.22
C SER B 76 9.53 -22.43 1.59
N ASN B 77 10.74 -21.95 1.33
CA ASN B 77 10.96 -20.60 0.81
C ASN B 77 10.23 -19.51 1.59
N THR B 78 10.27 -19.59 2.91
CA THR B 78 9.49 -18.69 3.75
C THR B 78 10.38 -17.98 4.74
N ALA B 79 10.19 -16.67 4.87
CA ALA B 79 10.83 -15.91 5.95
C ALA B 79 9.81 -15.63 7.05
N TYR B 80 10.28 -15.57 8.29
CA TYR B 80 9.37 -15.29 9.40
C TYR B 80 9.92 -14.17 10.22
N MET B 81 9.02 -13.35 10.75
CA MET B 81 9.41 -12.42 11.77
C MET B 81 8.57 -12.65 13.02
N GLU B 82 9.23 -12.86 14.14
CA GLU B 82 8.56 -13.04 15.41
C GLU B 82 8.62 -11.73 16.22
N LEU B 83 7.46 -11.27 16.67
CA LEU B 83 7.39 -10.07 17.48
C LEU B 83 7.10 -10.43 18.94
N LEU B 84 7.92 -9.91 19.86
CA LEU B 84 7.91 -10.33 21.27
C LEU B 84 7.30 -9.30 22.20
N SER B 85 6.80 -9.81 23.33
CA SER B 85 6.12 -9.04 24.38
C SER B 85 5.38 -7.82 23.86
N LEU B 86 4.31 -8.11 23.14
CA LEU B 86 3.59 -7.09 22.39
C LEU B 86 2.85 -6.07 23.26
N THR B 87 2.87 -4.82 22.80
CA THR B 87 2.09 -3.74 23.39
C THR B 87 1.26 -3.09 22.28
N SER B 88 0.34 -2.20 22.63
CA SER B 88 -0.46 -1.52 21.61
C SER B 88 0.40 -0.68 20.68
N GLU B 89 1.60 -0.31 21.13
CA GLU B 89 2.55 0.39 20.27
C GLU B 89 2.99 -0.44 19.06
N ASP B 90 2.81 -1.75 19.15
CA ASP B 90 3.19 -2.67 18.09
C ASP B 90 2.09 -2.86 17.05
N SER B 91 0.92 -2.28 17.32
CA SER B 91 -0.19 -2.33 16.36
C SER B 91 0.19 -1.54 15.13
N ALA B 92 0.16 -2.19 13.97
CA ALA B 92 0.66 -1.61 12.73
C ALA B 92 0.49 -2.58 11.58
N VAL B 93 0.84 -2.10 10.39
CA VAL B 93 1.00 -2.94 9.21
C VAL B 93 2.48 -3.25 9.05
N TYR B 94 2.79 -4.52 8.87
CA TYR B 94 4.18 -4.97 8.70
C TYR B 94 4.35 -5.51 7.30
N TYR B 95 5.47 -5.20 6.68
CA TYR B 95 5.78 -5.64 5.33
C TYR B 95 7.07 -6.42 5.29
N CYS B 96 7.16 -7.43 4.45
CA CYS B 96 8.46 -8.00 4.10
C CYS B 96 8.81 -7.39 2.73
N ALA B 97 10.09 -7.19 2.47
CA ALA B 97 10.50 -6.65 1.16
C ALA B 97 11.89 -7.15 0.78
N ARG B 98 12.04 -7.55 -0.49
CA ARG B 98 13.29 -8.08 -0.96
C ARG B 98 14.28 -6.96 -1.25
N SER B 99 15.56 -7.17 -0.94
CA SER B 99 16.61 -6.28 -1.40
C SER B 99 17.79 -7.08 -1.95
N ASP B 100 18.71 -6.37 -2.59
CA ASP B 100 19.90 -6.94 -3.19
C ASP B 100 21.09 -6.40 -2.43
N TYR B 101 21.95 -7.29 -1.97
CA TYR B 101 23.15 -6.84 -1.27
C TYR B 101 24.32 -6.58 -2.22
N TYR B 102 24.18 -6.94 -3.48
CA TYR B 102 25.24 -6.62 -4.44
C TYR B 102 25.49 -5.12 -4.45
N ASP B 103 26.76 -4.77 -4.29
CA ASP B 103 27.26 -3.41 -4.08
C ASP B 103 26.55 -2.69 -2.93
N SER B 104 26.01 -3.49 -1.99
CA SER B 104 25.30 -2.97 -0.82
C SER B 104 24.16 -2.02 -1.19
N THR B 105 23.52 -2.25 -2.32
CA THR B 105 22.58 -1.25 -2.84
C THR B 105 21.31 -1.16 -1.98
N HIS B 106 20.80 -2.31 -1.56
CA HIS B 106 19.59 -2.41 -0.70
C HIS B 106 18.49 -1.38 -0.99
N TYR B 107 17.91 -1.47 -2.17
CA TYR B 107 16.61 -0.87 -2.38
C TYR B 107 15.59 -1.99 -2.31
N PHE B 108 14.35 -1.63 -2.05
CA PHE B 108 13.32 -2.64 -1.83
C PHE B 108 12.44 -2.76 -3.06
N ASP B 109 12.77 -3.68 -3.95
CA ASP B 109 12.13 -3.71 -5.26
C ASP B 109 10.89 -4.58 -5.29
N TYR B 110 10.75 -5.52 -4.35
CA TYR B 110 9.49 -6.26 -4.25
C TYR B 110 9.01 -6.36 -2.81
N TRP B 111 7.70 -6.19 -2.61
CA TRP B 111 7.09 -6.08 -1.29
C TRP B 111 5.97 -7.10 -1.10
N GLY B 112 5.77 -7.58 0.12
CA GLY B 112 4.58 -8.34 0.45
C GLY B 112 3.36 -7.40 0.53
N GLN B 113 2.16 -7.95 0.64
CA GLN B 113 0.96 -7.12 0.59
C GLN B 113 0.68 -6.42 1.93
N GLY B 114 1.47 -6.75 2.95
CA GLY B 114 1.27 -6.17 4.28
C GLY B 114 0.44 -7.08 5.16
N THR B 115 0.71 -7.02 6.48
CA THR B 115 -0.01 -7.81 7.48
C THR B 115 -0.42 -6.86 8.60
N THR B 116 -1.73 -6.74 8.85
CA THR B 116 -2.19 -5.86 9.91
C THR B 116 -2.25 -6.57 11.27
N LEU B 117 -1.48 -6.06 12.22
CA LEU B 117 -1.46 -6.60 13.58
C LEU B 117 -2.14 -5.62 14.50
N THR B 118 -3.07 -6.12 15.30
CA THR B 118 -3.69 -5.31 16.34
C THR B 118 -3.38 -5.94 17.70
N VAL B 119 -2.78 -5.16 18.60
CA VAL B 119 -2.52 -5.68 19.93
C VAL B 119 -3.57 -5.07 20.86
N SER B 120 -4.40 -5.94 21.44
CA SER B 120 -5.53 -5.49 22.25
C SER B 120 -6.08 -6.64 23.08
N SER B 121 -6.68 -6.29 24.22
CA SER B 121 -7.28 -7.29 25.10
C SER B 121 -8.74 -7.52 24.73
N ALA B 122 -9.30 -6.64 23.89
CA ALA B 122 -10.69 -6.82 23.47
C ALA B 122 -10.79 -8.05 22.58
N SER B 123 -11.99 -8.63 22.47
CA SER B 123 -12.10 -9.85 21.68
C SER B 123 -12.56 -9.57 20.25
N THR B 124 -12.38 -10.56 19.38
CA THR B 124 -12.81 -10.42 18.00
C THR B 124 -14.31 -10.36 17.88
N LYS B 125 -14.81 -9.59 16.93
CA LYS B 125 -16.22 -9.59 16.60
C LYS B 125 -16.41 -9.45 15.09
N GLY B 126 -17.13 -10.37 14.48
CA GLY B 126 -17.40 -10.28 13.06
C GLY B 126 -18.46 -9.24 12.79
N PRO B 127 -18.51 -8.73 11.54
CA PRO B 127 -19.44 -7.66 11.20
C PRO B 127 -20.84 -8.14 10.88
N SER B 128 -21.82 -7.25 11.02
CA SER B 128 -23.11 -7.44 10.38
C SER B 128 -23.06 -6.69 9.07
N VAL B 129 -23.64 -7.28 8.03
CA VAL B 129 -23.62 -6.63 6.72
C VAL B 129 -25.04 -6.25 6.29
N PHE B 130 -25.29 -4.96 6.11
CA PHE B 130 -26.64 -4.49 5.78
C PHE B 130 -26.65 -3.83 4.41
N PRO B 131 -27.72 -4.04 3.65
CA PRO B 131 -27.76 -3.44 2.31
C PRO B 131 -28.02 -1.93 2.36
N LEU B 132 -27.39 -1.19 1.46
CA LEU B 132 -27.79 0.18 1.19
C LEU B 132 -28.55 0.16 -0.12
N ALA B 133 -29.87 -0.01 -0.03
CA ALA B 133 -30.69 -0.24 -1.21
C ALA B 133 -30.79 0.98 -2.14
N PRO B 134 -30.75 0.74 -3.45
CA PRO B 134 -30.87 1.83 -4.41
C PRO B 134 -32.27 2.46 -4.35
N SER B 135 -32.31 3.80 -4.32
CA SER B 135 -33.55 4.53 -4.16
C SER B 135 -34.51 4.23 -5.30
N SER B 136 -35.78 4.13 -4.96
CA SER B 136 -36.84 3.95 -5.94
C SER B 136 -37.01 5.22 -6.78
N LYS B 137 -36.50 6.35 -6.29
CA LYS B 137 -36.54 7.60 -7.04
C LYS B 137 -35.27 7.81 -7.85
N SER B 138 -34.53 6.74 -8.09
CA SER B 138 -33.40 6.78 -9.01
C SER B 138 -33.88 7.19 -10.40
N THR B 139 -33.21 8.18 -11.00
CA THR B 139 -33.60 8.70 -12.31
C THR B 139 -33.47 7.61 -13.38
N SER B 140 -34.49 7.46 -14.22
CA SER B 140 -34.44 6.45 -15.28
C SER B 140 -33.37 6.81 -16.32
N GLY B 141 -32.92 8.06 -16.26
CA GLY B 141 -31.89 8.63 -17.13
C GLY B 141 -30.74 7.72 -17.53
N GLY B 142 -29.83 7.38 -16.60
CA GLY B 142 -29.86 7.79 -15.21
C GLY B 142 -28.84 6.99 -14.40
N THR B 143 -28.49 7.48 -13.21
CA THR B 143 -27.49 6.80 -12.37
C THR B 143 -27.99 6.53 -10.96
N ALA B 144 -27.82 5.29 -10.50
CA ALA B 144 -28.24 4.91 -9.16
C ALA B 144 -27.04 4.53 -8.29
N ALA B 145 -27.17 4.75 -6.99
CA ALA B 145 -26.14 4.32 -6.04
C ALA B 145 -26.69 3.25 -5.14
N LEU B 146 -25.86 2.26 -4.85
CA LEU B 146 -26.21 1.22 -3.91
C LEU B 146 -24.95 0.82 -3.16
N GLY B 147 -25.10 0.08 -2.07
CA GLY B 147 -23.94 -0.28 -1.30
C GLY B 147 -24.23 -1.29 -0.22
N CYS B 148 -23.23 -1.54 0.61
CA CYS B 148 -23.50 -2.30 1.81
C CYS B 148 -22.76 -1.66 2.98
N LEU B 149 -23.43 -1.70 4.12
CA LEU B 149 -22.92 -1.14 5.36
C LEU B 149 -22.33 -2.31 6.14
N VAL B 150 -21.03 -2.23 6.41
CA VAL B 150 -20.36 -3.31 7.13
C VAL B 150 -20.09 -2.88 8.57
N LYS B 151 -20.95 -3.32 9.49
CA LYS B 151 -21.01 -2.66 10.79
C LYS B 151 -20.62 -3.51 12.00
N ASP B 152 -19.91 -2.86 12.93
CA ASP B 152 -19.62 -3.39 14.26
C ASP B 152 -18.68 -4.59 14.26
N TYR B 153 -17.45 -4.37 13.81
CA TYR B 153 -16.47 -5.44 13.80
C TYR B 153 -15.19 -5.03 14.52
N PHE B 154 -14.38 -6.01 14.91
CA PHE B 154 -13.10 -5.75 15.54
C PHE B 154 -12.24 -6.98 15.40
N PRO B 155 -10.96 -6.80 15.05
CA PRO B 155 -10.28 -5.55 14.73
C PRO B 155 -10.35 -5.28 13.24
N GLU B 156 -9.67 -4.23 12.79
CA GLU B 156 -9.34 -4.09 11.37
C GLU B 156 -8.48 -5.26 10.92
N PRO B 157 -8.45 -5.56 9.60
CA PRO B 157 -9.20 -4.96 8.51
C PRO B 157 -10.34 -5.83 8.03
N VAL B 158 -11.16 -5.26 7.17
CA VAL B 158 -12.17 -5.97 6.41
C VAL B 158 -11.88 -5.71 4.94
N THR B 159 -12.06 -6.71 4.07
CA THR B 159 -12.02 -6.44 2.63
C THR B 159 -13.42 -6.57 2.04
N VAL B 160 -13.72 -5.70 1.07
CA VAL B 160 -14.97 -5.73 0.36
C VAL B 160 -14.71 -5.76 -1.15
N SER B 161 -15.40 -6.63 -1.85
CA SER B 161 -15.42 -6.60 -3.30
C SER B 161 -16.88 -6.67 -3.77
N TRP B 162 -17.09 -6.47 -5.07
CA TRP B 162 -18.43 -6.52 -5.63
C TRP B 162 -18.48 -7.54 -6.77
N ASN B 163 -19.47 -8.43 -6.72
CA ASN B 163 -19.67 -9.43 -7.75
C ASN B 163 -18.40 -10.25 -7.99
N SER B 164 -17.79 -10.67 -6.89
CA SER B 164 -16.56 -11.46 -6.90
C SER B 164 -15.44 -10.80 -7.69
N GLY B 165 -15.45 -9.49 -7.73
CA GLY B 165 -14.39 -8.75 -8.38
C GLY B 165 -14.68 -8.43 -9.83
N ALA B 166 -15.84 -8.85 -10.34
CA ALA B 166 -16.21 -8.52 -11.71
C ALA B 166 -16.71 -7.07 -11.83
N LEU B 167 -17.02 -6.46 -10.68
CA LEU B 167 -17.46 -5.06 -10.64
C LEU B 167 -16.45 -4.21 -9.89
N THR B 168 -15.76 -3.32 -10.59
CA THR B 168 -14.75 -2.47 -9.94
C THR B 168 -14.91 -0.99 -10.29
N SER B 169 -15.37 -0.69 -11.49
CA SER B 169 -15.60 0.69 -11.86
C SER B 169 -16.73 1.31 -11.02
N GLY B 170 -16.50 2.51 -10.51
CA GLY B 170 -17.52 3.24 -9.78
C GLY B 170 -17.65 2.83 -8.32
N VAL B 171 -16.83 1.89 -7.89
CA VAL B 171 -16.84 1.42 -6.50
C VAL B 171 -16.07 2.36 -5.59
N HIS B 172 -16.67 2.67 -4.44
CA HIS B 172 -15.95 3.39 -3.39
C HIS B 172 -16.11 2.64 -2.08
N THR B 173 -15.01 2.09 -1.58
CA THR B 173 -15.01 1.49 -0.27
C THR B 173 -14.33 2.46 0.69
N PHE B 174 -15.08 2.94 1.68
CA PHE B 174 -14.59 4.00 2.56
C PHE B 174 -13.68 3.45 3.67
N PRO B 175 -12.72 4.28 4.12
CA PRO B 175 -11.94 3.95 5.32
C PRO B 175 -12.89 3.70 6.50
N ALA B 176 -12.61 2.68 7.30
CA ALA B 176 -13.45 2.37 8.45
C ALA B 176 -13.42 3.50 9.46
N VAL B 177 -14.48 3.63 10.26
CA VAL B 177 -14.50 4.58 11.35
C VAL B 177 -14.56 3.79 12.65
N LEU B 178 -13.95 4.36 13.68
CA LEU B 178 -13.99 3.76 15.00
C LEU B 178 -15.13 4.38 15.80
N GLN B 179 -16.09 3.56 16.20
CA GLN B 179 -17.23 4.05 16.99
C GLN B 179 -16.90 4.13 18.47
N SER B 180 -17.72 4.85 19.22
CA SER B 180 -17.51 5.02 20.65
C SER B 180 -17.55 3.66 21.38
N SER B 181 -18.26 2.71 20.80
CA SER B 181 -18.31 1.35 21.31
C SER B 181 -16.97 0.64 21.28
N GLY B 182 -16.05 1.13 20.45
CA GLY B 182 -14.78 0.46 20.27
C GLY B 182 -14.79 -0.52 19.11
N LEU B 183 -15.89 -0.54 18.37
CA LEU B 183 -16.02 -1.35 17.16
C LEU B 183 -15.91 -0.49 15.91
N TYR B 184 -15.47 -1.09 14.81
CA TYR B 184 -15.34 -0.39 13.54
C TYR B 184 -16.57 -0.56 12.66
N SER B 185 -16.83 0.39 11.78
CA SER B 185 -17.80 0.26 10.71
C SER B 185 -17.26 0.88 9.43
N LEU B 186 -17.66 0.32 8.29
CA LEU B 186 -17.37 0.96 7.03
C LEU B 186 -18.51 0.76 6.06
N SER B 187 -18.53 1.58 5.02
CA SER B 187 -19.46 1.43 3.92
C SER B 187 -18.70 1.21 2.62
N SER B 188 -19.28 0.43 1.73
CA SER B 188 -18.82 0.34 0.37
C SER B 188 -20.00 0.65 -0.53
N VAL B 189 -19.82 1.57 -1.48
CA VAL B 189 -20.91 1.95 -2.38
C VAL B 189 -20.45 1.82 -3.81
N VAL B 190 -21.41 1.75 -4.73
CA VAL B 190 -21.09 1.74 -6.15
C VAL B 190 -22.23 2.43 -6.90
N THR B 191 -21.88 3.19 -7.95
CA THR B 191 -22.89 3.75 -8.83
C THR B 191 -22.98 2.92 -10.10
N VAL B 192 -24.21 2.61 -10.47
CA VAL B 192 -24.51 1.82 -11.66
C VAL B 192 -25.61 2.52 -12.44
N PRO B 193 -25.79 2.14 -13.72
CA PRO B 193 -26.95 2.68 -14.44
C PRO B 193 -28.28 2.20 -13.84
N SER B 194 -29.24 3.11 -13.73
CA SER B 194 -30.56 2.79 -13.18
C SER B 194 -31.30 1.70 -13.97
N SER B 195 -31.04 1.65 -15.28
CA SER B 195 -31.71 0.67 -16.14
C SER B 195 -31.28 -0.75 -15.83
N SER B 196 -30.10 -0.90 -15.23
CA SER B 196 -29.54 -2.21 -14.98
C SER B 196 -30.13 -2.85 -13.72
N LEU B 197 -30.79 -2.04 -12.90
CA LEU B 197 -31.27 -2.50 -11.59
C LEU B 197 -32.26 -3.64 -11.69
N GLY B 198 -32.98 -3.72 -12.80
CA GLY B 198 -33.97 -4.77 -12.99
C GLY B 198 -33.34 -6.09 -13.38
N THR B 199 -32.24 -6.02 -14.12
CA THR B 199 -31.62 -7.23 -14.69
C THR B 199 -30.34 -7.69 -13.99
N GLN B 200 -29.47 -6.75 -13.61
CA GLN B 200 -28.16 -7.12 -13.06
C GLN B 200 -28.20 -7.42 -11.56
N THR B 201 -27.56 -8.52 -11.15
CA THR B 201 -27.45 -8.82 -9.72
C THR B 201 -26.23 -8.11 -9.11
N TYR B 202 -26.40 -7.55 -7.91
CA TYR B 202 -25.31 -6.90 -7.20
C TYR B 202 -25.10 -7.53 -5.84
N ILE B 203 -23.93 -8.11 -5.65
CA ILE B 203 -23.60 -8.81 -4.42
C ILE B 203 -22.31 -8.23 -3.87
N CYS B 204 -22.31 -7.85 -2.59
CA CYS B 204 -21.06 -7.39 -2.03
C CYS B 204 -20.47 -8.52 -1.19
N ASN B 205 -19.18 -8.80 -1.45
CA ASN B 205 -18.47 -9.87 -0.78
C ASN B 205 -17.62 -9.27 0.31
N VAL B 206 -17.88 -9.72 1.53
CA VAL B 206 -17.22 -9.15 2.68
C VAL B 206 -16.41 -10.24 3.35
N ASN B 207 -15.15 -9.93 3.63
CA ASN B 207 -14.32 -10.89 4.33
C ASN B 207 -13.65 -10.24 5.53
N HIS B 208 -13.95 -10.77 6.72
CA HIS B 208 -13.27 -10.37 7.95
C HIS B 208 -12.48 -11.55 8.54
N LYS B 209 -11.22 -11.67 8.12
CA LYS B 209 -10.41 -12.82 8.50
C LYS B 209 -10.16 -13.01 9.99
N PRO B 210 -10.00 -11.92 10.78
CA PRO B 210 -9.72 -12.24 12.18
C PRO B 210 -10.85 -12.96 12.93
N SER B 211 -12.06 -12.97 12.38
CA SER B 211 -13.17 -13.71 13.00
C SER B 211 -13.62 -14.82 12.06
N ASN B 212 -12.90 -15.02 10.96
CA ASN B 212 -13.30 -15.95 9.90
C ASN B 212 -14.74 -15.73 9.48
N THR B 213 -15.12 -14.47 9.28
CA THR B 213 -16.47 -14.16 8.86
C THR B 213 -16.44 -13.76 7.40
N LYS B 214 -17.10 -14.56 6.57
CA LYS B 214 -17.21 -14.35 5.13
C LYS B 214 -18.69 -14.25 4.78
N VAL B 215 -19.10 -13.19 4.07
CA VAL B 215 -20.52 -12.99 3.76
C VAL B 215 -20.68 -12.43 2.35
N ASP B 216 -21.62 -13.00 1.61
CA ASP B 216 -22.05 -12.44 0.32
C ASP B 216 -23.48 -11.90 0.46
N LYS B 217 -23.64 -10.59 0.34
CA LYS B 217 -24.94 -9.95 0.52
C LYS B 217 -25.45 -9.38 -0.81
N LYS B 218 -26.57 -9.90 -1.29
CA LYS B 218 -27.24 -9.31 -2.46
C LYS B 218 -27.92 -8.01 -2.06
N VAL B 219 -27.73 -6.98 -2.85
CA VAL B 219 -28.31 -5.69 -2.55
C VAL B 219 -29.33 -5.38 -3.65
N GLU B 220 -30.60 -5.28 -3.25
CA GLU B 220 -31.75 -5.16 -4.15
C GLU B 220 -32.54 -3.91 -3.94
N PRO B 221 -33.17 -3.40 -5.01
CA PRO B 221 -34.19 -2.37 -4.83
C PRO B 221 -35.25 -2.82 -3.85
N LYS B 222 -35.50 -2.02 -2.82
CA LYS B 222 -36.53 -2.30 -1.84
C LYS B 222 -37.89 -1.93 -2.41
N SER B 223 -38.96 -2.72 -2.23
CA SER B 223 -39.04 -4.17 -1.96
C SER B 223 -40.53 -4.46 -1.99
N GLU C 8 24.89 -18.49 -31.20
CA GLU C 8 26.34 -18.33 -31.20
C GLU C 8 26.79 -17.34 -30.14
N ALA C 9 27.95 -17.58 -29.56
CA ALA C 9 28.40 -16.77 -28.43
C ALA C 9 29.91 -16.60 -28.43
N THR C 10 30.34 -15.40 -28.05
CA THR C 10 31.76 -15.08 -27.96
C THR C 10 32.24 -15.03 -26.51
N VAL C 11 33.38 -15.67 -26.25
CA VAL C 11 34.07 -15.53 -24.98
C VAL C 11 35.12 -14.44 -25.11
N CYS C 12 35.11 -13.47 -24.20
CA CYS C 12 36.17 -12.46 -24.23
C CYS C 12 36.60 -12.01 -22.85
N THR C 13 37.65 -11.23 -22.83
CA THR C 13 38.26 -10.77 -21.60
C THR C 13 38.08 -9.28 -21.49
N VAL C 14 37.60 -8.81 -20.34
CA VAL C 14 37.40 -7.37 -20.17
C VAL C 14 37.99 -6.95 -18.85
N THR C 15 38.18 -5.65 -18.69
CA THR C 15 38.71 -5.12 -17.44
C THR C 15 37.69 -4.22 -16.77
N LEU C 16 37.46 -4.43 -15.49
CA LEU C 16 36.55 -3.58 -14.72
C LEU C 16 37.28 -3.00 -13.55
N GLU C 17 36.74 -1.94 -12.96
CA GLU C 17 37.33 -1.36 -11.77
C GLU C 17 36.60 -1.87 -10.53
N LYS C 18 37.33 -2.49 -9.61
CA LYS C 18 36.81 -2.82 -8.28
C LYS C 18 36.92 -1.59 -7.39
N MET C 19 35.77 -1.06 -7.01
CA MET C 19 35.69 0.05 -6.06
C MET C 19 35.35 -0.53 -4.71
N SER C 20 35.38 0.28 -3.66
CA SER C 20 35.18 -0.27 -2.32
C SER C 20 33.81 -0.95 -2.20
N ALA C 21 32.80 -0.44 -2.90
CA ALA C 21 31.47 -1.04 -2.81
C ALA C 21 31.33 -2.32 -3.62
N GLY C 22 32.00 -2.43 -4.76
CA GLY C 22 31.86 -3.62 -5.60
C GLY C 22 32.31 -3.35 -7.03
N LEU C 23 31.74 -4.09 -8.00
CA LEU C 23 32.10 -3.92 -9.41
C LEU C 23 31.03 -3.19 -10.23
N GLY C 24 29.91 -2.81 -9.62
CA GLY C 24 28.90 -2.03 -10.33
C GLY C 24 27.87 -2.84 -11.10
N PHE C 25 27.75 -4.13 -10.80
CA PHE C 25 26.66 -4.89 -11.38
C PHE C 25 26.08 -5.91 -10.41
N SER C 26 24.91 -6.43 -10.78
CA SER C 26 24.24 -7.46 -10.03
C SER C 26 24.16 -8.71 -10.88
N LEU C 27 24.31 -9.86 -10.23
CA LEU C 27 24.22 -11.12 -10.94
C LEU C 27 22.92 -11.84 -10.59
N GLU C 28 22.46 -12.66 -11.53
CA GLU C 28 21.41 -13.62 -11.26
C GLU C 28 21.84 -14.99 -11.75
N GLY C 29 21.08 -16.02 -11.40
CA GLY C 29 21.37 -17.37 -11.83
C GLY C 29 22.27 -18.06 -10.84
N GLY C 30 23.11 -18.96 -11.34
CA GLY C 30 24.05 -19.66 -10.50
C GLY C 30 23.55 -21.03 -10.08
N LYS C 31 24.37 -21.73 -9.31
CA LYS C 31 23.99 -23.03 -8.77
C LYS C 31 22.75 -22.89 -7.91
N GLY C 32 21.82 -23.81 -8.08
CA GLY C 32 20.65 -23.91 -7.21
C GLY C 32 19.78 -22.67 -7.24
N SER C 33 19.71 -22.02 -8.39
CA SER C 33 18.86 -20.85 -8.54
C SER C 33 17.46 -21.25 -8.96
N LEU C 34 16.72 -20.32 -9.55
CA LEU C 34 15.31 -20.52 -9.86
C LEU C 34 15.05 -21.75 -10.73
N HIS C 35 15.57 -21.74 -11.95
CA HIS C 35 15.34 -22.85 -12.88
C HIS C 35 16.44 -23.92 -12.81
N GLY C 36 16.81 -24.34 -11.60
CA GLY C 36 17.89 -25.30 -11.42
C GLY C 36 19.27 -24.66 -11.53
N ASP C 37 20.27 -25.43 -11.90
CA ASP C 37 21.64 -24.92 -12.01
C ASP C 37 21.88 -24.20 -13.33
N LYS C 38 21.99 -22.88 -13.27
CA LYS C 38 22.19 -22.06 -14.47
C LYS C 38 23.46 -21.23 -14.32
N PRO C 39 23.94 -20.63 -15.42
CA PRO C 39 25.13 -19.79 -15.26
C PRO C 39 24.78 -18.50 -14.53
N LEU C 40 25.81 -17.86 -13.96
CA LEU C 40 25.67 -16.53 -13.41
C LEU C 40 25.72 -15.51 -14.52
N THR C 41 24.66 -14.72 -14.66
CA THR C 41 24.64 -13.69 -15.68
C THR C 41 24.36 -12.33 -15.06
N ILE C 42 24.81 -11.29 -15.75
CA ILE C 42 24.52 -9.92 -15.34
C ILE C 42 23.07 -9.59 -15.67
N ASN C 43 22.32 -9.12 -14.69
CA ASN C 43 20.95 -8.72 -15.01
C ASN C 43 20.73 -7.22 -14.80
N ARG C 44 21.72 -6.56 -14.22
CA ARG C 44 21.63 -5.12 -14.02
C ARG C 44 23.01 -4.50 -13.81
N ILE C 45 23.27 -3.41 -14.52
CA ILE C 45 24.42 -2.59 -14.26
C ILE C 45 23.91 -1.39 -13.47
N PHE C 46 24.44 -1.23 -12.26
CA PHE C 46 23.97 -0.17 -11.36
C PHE C 46 24.35 1.22 -11.86
N LYS C 47 25.12 1.26 -12.95
CA LYS C 47 25.58 2.48 -13.62
C LYS C 47 26.71 3.15 -12.85
N THR C 56 31.55 -2.01 -21.09
CA THR C 56 32.32 -3.23 -21.31
C THR C 56 31.51 -4.50 -21.02
N VAL C 57 30.87 -4.54 -19.87
CA VAL C 57 29.91 -5.62 -19.62
C VAL C 57 28.53 -5.09 -19.94
N GLN C 58 27.61 -5.99 -20.23
CA GLN C 58 26.23 -5.58 -20.48
C GLN C 58 25.26 -6.65 -19.97
N PRO C 59 23.98 -6.27 -19.76
CA PRO C 59 23.05 -7.24 -19.22
C PRO C 59 22.96 -8.49 -20.08
N GLY C 60 22.86 -9.64 -19.44
CA GLY C 60 22.83 -10.91 -20.15
C GLY C 60 24.20 -11.55 -20.32
N ASP C 61 25.28 -10.79 -20.09
CA ASP C 61 26.61 -11.40 -20.11
C ASP C 61 26.75 -12.47 -19.03
N GLU C 62 27.27 -13.62 -19.43
CA GLU C 62 27.58 -14.71 -18.54
C GLU C 62 29.01 -14.55 -17.98
N ILE C 63 29.15 -14.57 -16.65
CA ILE C 63 30.45 -14.43 -16.03
C ILE C 63 31.13 -15.79 -15.91
N LEU C 64 32.32 -15.93 -16.49
CA LEU C 64 33.03 -17.22 -16.47
C LEU C 64 34.14 -17.26 -15.42
N GLN C 65 34.79 -16.11 -15.24
CA GLN C 65 35.91 -16.04 -14.31
C GLN C 65 36.03 -14.63 -13.78
N LEU C 66 36.24 -14.51 -12.48
CA LEU C 66 36.49 -13.21 -11.86
C LEU C 66 37.87 -13.26 -11.28
N GLY C 67 38.81 -12.55 -11.90
CA GLY C 67 40.21 -12.65 -11.53
C GLY C 67 40.57 -14.10 -11.76
N GLY C 68 41.09 -14.78 -10.74
CA GLY C 68 41.47 -16.17 -10.89
C GLY C 68 40.39 -17.20 -10.59
N THR C 69 39.23 -16.73 -10.16
CA THR C 69 38.20 -17.68 -9.71
C THR C 69 37.21 -18.02 -10.82
N ALA C 70 37.14 -19.30 -11.18
CA ALA C 70 36.12 -19.78 -12.11
C ALA C 70 34.73 -19.76 -11.45
N MET C 71 33.72 -19.33 -12.20
CA MET C 71 32.36 -19.11 -11.66
C MET C 71 31.44 -20.31 -11.77
N GLN C 72 31.84 -21.30 -12.55
CA GLN C 72 31.06 -22.52 -12.75
C GLN C 72 30.76 -23.20 -11.42
N GLY C 73 29.48 -23.44 -11.15
CA GLY C 73 29.07 -24.14 -9.94
C GLY C 73 28.96 -23.27 -8.70
N LEU C 74 29.03 -21.95 -8.86
CA LEU C 74 28.88 -21.06 -7.71
C LEU C 74 27.45 -20.54 -7.56
N THR C 75 27.04 -20.36 -6.32
CA THR C 75 25.78 -19.72 -6.02
C THR C 75 25.96 -18.21 -6.10
N ARG C 76 24.84 -17.52 -6.16
CA ARG C 76 24.81 -16.07 -6.22
C ARG C 76 25.56 -15.45 -5.02
N PHE C 77 25.38 -16.03 -3.83
CA PHE C 77 26.03 -15.48 -2.64
C PHE C 77 27.54 -15.73 -2.62
N GLU C 78 27.94 -16.92 -3.04
CA GLU C 78 29.36 -17.26 -3.18
C GLU C 78 30.02 -16.29 -4.18
N ALA C 79 29.34 -16.00 -5.28
CA ALA C 79 29.88 -15.08 -6.27
C ALA C 79 30.07 -13.71 -5.64
N TRP C 80 29.18 -13.35 -4.72
CA TRP C 80 29.31 -12.03 -4.11
C TRP C 80 30.53 -11.97 -3.21
N ASN C 81 30.78 -13.06 -2.47
CA ASN C 81 31.98 -13.11 -1.67
C ASN C 81 33.27 -13.09 -2.51
N ILE C 82 33.24 -13.69 -3.71
CA ILE C 82 34.38 -13.58 -4.64
C ILE C 82 34.63 -12.10 -4.99
N ILE C 83 33.57 -11.36 -5.30
CA ILE C 83 33.67 -9.94 -5.65
C ILE C 83 34.20 -9.10 -4.50
N LYS C 84 33.69 -9.36 -3.30
CA LYS C 84 34.14 -8.66 -2.10
C LYS C 84 35.64 -8.81 -1.82
N ALA C 85 36.19 -9.99 -2.10
CA ALA C 85 37.60 -10.24 -1.81
C ALA C 85 38.55 -9.61 -2.84
N LEU C 86 38.03 -9.21 -3.99
CA LEU C 86 38.87 -8.64 -5.04
C LEU C 86 39.54 -7.38 -4.52
N PRO C 87 40.86 -7.26 -4.70
CA PRO C 87 41.52 -6.00 -4.32
C PRO C 87 41.02 -4.85 -5.18
N ASP C 88 41.04 -3.64 -4.60
CA ASP C 88 40.69 -2.42 -5.31
C ASP C 88 41.60 -2.17 -6.51
N GLY C 89 41.03 -1.60 -7.57
CA GLY C 89 41.77 -1.37 -8.79
C GLY C 89 41.22 -2.21 -9.92
N PRO C 90 41.98 -2.31 -11.02
CA PRO C 90 41.53 -3.07 -12.18
C PRO C 90 41.36 -4.55 -11.86
N VAL C 91 40.37 -5.17 -12.49
CA VAL C 91 40.15 -6.59 -12.33
C VAL C 91 39.84 -7.19 -13.69
N THR C 92 40.60 -8.20 -14.04
CA THR C 92 40.37 -8.94 -15.28
C THR C 92 39.24 -9.94 -15.10
N ILE C 93 38.32 -9.93 -16.04
CA ILE C 93 37.12 -10.74 -15.98
C ILE C 93 36.89 -11.40 -17.32
N VAL C 94 36.47 -12.65 -17.32
CA VAL C 94 36.18 -13.36 -18.55
C VAL C 94 34.67 -13.53 -18.64
N ILE C 95 34.09 -13.13 -19.77
CA ILE C 95 32.65 -13.24 -19.97
C ILE C 95 32.33 -13.98 -21.27
N ARG C 96 31.09 -14.42 -21.37
CA ARG C 96 30.54 -14.94 -22.61
C ARG C 96 29.34 -14.10 -22.98
N ARG C 97 29.28 -13.71 -24.25
CA ARG C 97 28.22 -12.85 -24.75
C ARG C 97 27.63 -13.44 -26.01
N LYS C 98 26.30 -13.39 -26.14
CA LYS C 98 25.62 -13.95 -27.30
C LYS C 98 25.76 -13.08 -28.55
N SER C 99 25.81 -13.76 -29.71
CA SER C 99 25.80 -13.14 -31.05
C SER C 99 26.46 -11.77 -31.15
#